data_7RCK
#
_entry.id   7RCK
#
_cell.length_a   74.684
_cell.length_b   75.385
_cell.length_c   135.313
_cell.angle_alpha   90.000
_cell.angle_beta   90.000
_cell.angle_gamma   90.000
#
_symmetry.space_group_name_H-M   'P 21 21 21'
#
loop_
_entity.id
_entity.type
_entity.pdbx_description
1 polymer 'Mismatch repair endonuclease PMS2'
2 non-polymer "ADENOSINE-5'-TRIPHOSPHATE"
3 non-polymer 'MAGNESIUM ION'
4 water water
#
_entity_poly.entity_id   1
_entity_poly.type   'polypeptide(L)'
_entity_poly.pdbx_seq_one_letter_code
;MERAESSSTEPAKAIKPIDRKSVHQICSGQVVLSLSTAVKELVENSLDAGATNIDLKLKDYGVDLIEVSDNGCGVEEENF
EGLTLKHHTSKIQEFADLTQVETFGFRGEALSSLCALSDVTISTCHASAKVGTRLMFDHNGKIIQKTPYPRPRGTTVSVQ
QLFSTLPVRHKEFQRNIKKEYAKMVQVLHAYCIISAGIRVSCTNQLGQGKRQPVVCTGGSPSIKENIGSVFGQKQLQSLI
PFVQLPPSDSVCEEYGLSCSDALHNLFYISGFISQCTHGVGRSSTDRQFFFINRRPCDPAKVCRLVNEVYHMYNRHQYPF
VVLNISVDSECVDINVTPDKRQILLQEEKLLLAVLKTSLIGMFDS
;
_entity_poly.pdbx_strand_id   A,B
#
# COMPACT_ATOMS: atom_id res chain seq x y z
N LEU A 33 9.94 25.34 1.96
CA LEU A 33 10.71 24.11 1.88
C LEU A 33 10.65 23.35 3.20
N SER A 34 9.85 22.29 3.22
CA SER A 34 9.67 21.49 4.43
C SER A 34 9.46 20.04 4.04
N LEU A 35 9.43 19.18 5.06
CA LEU A 35 9.13 17.77 4.82
C LEU A 35 7.71 17.59 4.28
N SER A 36 6.75 18.36 4.81
CA SER A 36 5.37 18.18 4.40
C SER A 36 5.15 18.62 2.96
N THR A 37 5.78 19.72 2.53
CA THR A 37 5.59 20.18 1.16
C THR A 37 6.29 19.26 0.17
N ALA A 38 7.44 18.69 0.54
CA ALA A 38 8.10 17.73 -0.33
C ALA A 38 7.23 16.49 -0.55
N VAL A 39 6.66 15.96 0.53
CA VAL A 39 5.74 14.82 0.40
C VAL A 39 4.51 15.22 -0.39
N LYS A 40 3.99 16.43 -0.15
CA LYS A 40 2.81 16.89 -0.87
C LYS A 40 3.07 16.95 -2.37
N GLU A 41 4.23 17.46 -2.77
CA GLU A 41 4.54 17.56 -4.21
C GLU A 41 4.60 16.18 -4.84
N LEU A 42 5.23 15.22 -4.17
CA LEU A 42 5.36 13.87 -4.73
C LEU A 42 4.00 13.17 -4.79
N VAL A 43 3.18 13.34 -3.76
CA VAL A 43 1.85 12.71 -3.76
C VAL A 43 0.99 13.31 -4.87
N GLU A 44 1.02 14.64 -5.02
CA GLU A 44 0.27 15.28 -6.10
C GLU A 44 0.74 14.79 -7.47
N ASN A 45 2.04 14.58 -7.64
CA ASN A 45 2.54 14.08 -8.91
C ASN A 45 2.01 12.68 -9.19
N SER A 46 1.98 11.81 -8.18
CA SER A 46 1.41 10.47 -8.36
C SER A 46 -0.08 10.54 -8.66
N LEU A 47 -0.81 11.42 -7.97
CA LEU A 47 -2.22 11.61 -8.26
C LEU A 47 -2.42 12.14 -9.67
N ASP A 48 -1.60 13.11 -10.09
CA ASP A 48 -1.71 13.66 -11.43
C ASP A 48 -1.46 12.59 -12.49
N ALA A 49 -0.63 11.60 -12.18
CA ALA A 49 -0.33 10.53 -13.12
C ALA A 49 -1.41 9.46 -13.19
N GLY A 50 -2.52 9.63 -12.47
CA GLY A 50 -3.60 8.67 -12.50
C GLY A 50 -3.34 7.40 -11.72
N ALA A 51 -2.58 7.50 -10.63
CA ALA A 51 -2.25 6.31 -9.85
C ALA A 51 -3.45 5.81 -9.06
N THR A 52 -3.52 4.50 -8.90
CA THR A 52 -4.48 3.86 -8.01
C THR A 52 -3.83 3.26 -6.77
N ASN A 53 -2.50 3.11 -6.77
CA ASN A 53 -1.73 2.71 -5.61
C ASN A 53 -0.60 3.72 -5.41
N ILE A 54 -0.48 4.25 -4.19
CA ILE A 54 0.59 5.18 -3.84
C ILE A 54 1.21 4.71 -2.54
N ASP A 55 2.48 4.31 -2.59
CA ASP A 55 3.19 3.78 -1.44
C ASP A 55 4.29 4.74 -1.05
N LEU A 56 4.22 5.24 0.20
CA LEU A 56 5.22 6.16 0.74
C LEU A 56 6.08 5.42 1.75
N LYS A 57 7.38 5.34 1.48
CA LYS A 57 8.35 4.69 2.36
C LYS A 57 9.25 5.76 2.97
N LEU A 58 9.28 5.83 4.29
CA LEU A 58 10.07 6.82 5.01
C LEU A 58 11.13 6.11 5.85
N LYS A 59 12.30 6.73 5.95
CA LYS A 59 13.36 6.28 6.85
C LYS A 59 13.79 7.45 7.72
N ASP A 60 13.80 7.23 9.04
CA ASP A 60 14.15 8.27 10.02
C ASP A 60 13.25 9.50 9.86
N TYR A 61 11.95 9.25 9.77
CA TYR A 61 10.92 10.29 9.62
C TYR A 61 11.08 11.10 8.34
N GLY A 62 11.85 10.60 7.37
CA GLY A 62 12.10 11.30 6.14
C GLY A 62 13.44 12.00 6.08
N VAL A 63 14.19 12.03 7.19
CA VAL A 63 15.52 12.63 7.19
C VAL A 63 16.46 11.83 6.29
N ASP A 64 16.34 10.50 6.33
CA ASP A 64 17.21 9.64 5.51
C ASP A 64 16.62 9.34 4.15
N LEU A 65 15.32 9.05 4.06
CA LEU A 65 14.73 8.65 2.79
C LEU A 65 13.26 9.03 2.76
N ILE A 66 12.85 9.62 1.64
CA ILE A 66 11.44 9.81 1.29
C ILE A 66 11.26 9.16 -0.07
N GLU A 67 10.48 8.08 -0.13
CA GLU A 67 10.31 7.32 -1.36
C GLU A 67 8.82 7.13 -1.62
N VAL A 68 8.37 7.60 -2.77
CA VAL A 68 6.97 7.50 -3.19
C VAL A 68 6.91 6.62 -4.44
N SER A 69 6.17 5.53 -4.34
CA SER A 69 6.02 4.58 -5.44
C SER A 69 4.55 4.56 -5.87
N ASP A 70 4.31 4.67 -7.18
CA ASP A 70 2.95 4.68 -7.69
C ASP A 70 2.86 3.80 -8.93
N ASN A 71 1.63 3.45 -9.29
CA ASN A 71 1.33 2.71 -10.51
C ASN A 71 0.65 3.61 -11.54
N GLY A 72 1.07 4.87 -11.60
CA GLY A 72 0.54 5.83 -12.54
C GLY A 72 1.04 5.62 -13.96
N CYS A 73 0.91 6.66 -14.80
CA CYS A 73 1.21 6.52 -16.22
C CYS A 73 2.69 6.39 -16.52
N GLY A 74 3.56 6.81 -15.61
CA GLY A 74 4.98 6.78 -15.86
C GLY A 74 5.41 7.92 -16.77
N VAL A 75 6.71 7.92 -17.10
CA VAL A 75 7.32 8.97 -17.90
C VAL A 75 7.93 8.34 -19.15
N GLU A 76 7.65 8.94 -20.31
CA GLU A 76 8.22 8.48 -21.56
C GLU A 76 9.69 8.88 -21.65
N GLU A 77 10.45 8.11 -22.46
CA GLU A 77 11.89 8.33 -22.56
C GLU A 77 12.22 9.72 -23.09
N GLU A 78 11.42 10.24 -24.04
CA GLU A 78 11.70 11.54 -24.62
C GLU A 78 11.53 12.69 -23.63
N ASN A 79 10.92 12.43 -22.47
CA ASN A 79 10.71 13.47 -21.46
C ASN A 79 11.58 13.28 -20.22
N PHE A 80 12.59 12.40 -20.29
CA PHE A 80 13.43 12.15 -19.12
C PHE A 80 14.19 13.40 -18.72
N GLU A 81 14.82 14.07 -19.70
CA GLU A 81 15.56 15.29 -19.39
C GLU A 81 14.63 16.41 -18.95
N GLY A 82 13.39 16.43 -19.45
CA GLY A 82 12.43 17.44 -19.05
C GLY A 82 11.92 17.30 -17.63
N LEU A 83 12.26 16.21 -16.94
CA LEU A 83 11.86 16.05 -15.55
C LEU A 83 12.43 17.16 -14.68
N THR A 84 13.67 17.56 -14.95
CA THR A 84 14.33 18.62 -14.18
C THR A 84 14.66 19.81 -15.07
N GLU A 102 1.62 26.94 -0.78
CA GLU A 102 2.98 26.54 -0.43
C GLU A 102 3.57 25.59 -1.46
N THR A 103 4.50 26.11 -2.26
CA THR A 103 5.22 25.31 -3.25
C THR A 103 6.63 25.05 -2.74
N PHE A 104 7.13 23.85 -2.99
CA PHE A 104 8.45 23.47 -2.51
C PHE A 104 9.55 24.18 -3.28
N GLU A 109 10.65 24.19 -10.41
CA GLU A 109 9.60 23.21 -10.14
C GLU A 109 9.97 22.29 -8.98
N ALA A 110 9.11 21.32 -8.70
CA ALA A 110 9.29 20.46 -7.52
C ALA A 110 10.49 19.54 -7.68
N LEU A 111 10.55 18.78 -8.78
CA LEU A 111 11.62 17.81 -8.94
C LEU A 111 12.98 18.46 -9.07
N SER A 112 13.05 19.62 -9.75
CA SER A 112 14.33 20.32 -9.86
C SER A 112 14.77 20.86 -8.51
N SER A 113 13.83 21.36 -7.71
CA SER A 113 14.17 21.85 -6.37
C SER A 113 14.63 20.70 -5.48
N LEU A 114 13.99 19.52 -5.61
CA LEU A 114 14.39 18.38 -4.81
C LEU A 114 15.79 17.89 -5.17
N CYS A 115 16.15 17.97 -6.46
CA CYS A 115 17.48 17.58 -6.87
C CYS A 115 18.55 18.48 -6.26
N ALA A 116 18.26 19.78 -6.16
CA ALA A 116 19.23 20.70 -5.57
C ALA A 116 19.40 20.49 -4.08
N LEU A 117 18.42 19.90 -3.41
CA LEU A 117 18.43 19.74 -1.97
C LEU A 117 18.64 18.31 -1.50
N SER A 118 18.75 17.36 -2.41
CA SER A 118 18.84 15.95 -2.04
C SER A 118 19.39 15.16 -3.22
N ASP A 119 19.58 13.86 -3.00
CA ASP A 119 19.94 12.92 -4.06
C ASP A 119 18.67 12.25 -4.55
N VAL A 120 18.31 12.49 -5.80
CA VAL A 120 17.05 12.02 -6.37
C VAL A 120 17.34 10.87 -7.31
N THR A 121 16.68 9.74 -7.05
CA THR A 121 16.70 8.58 -7.94
C THR A 121 15.28 8.29 -8.38
N ILE A 122 15.09 8.10 -9.68
CA ILE A 122 13.77 7.87 -10.26
C ILE A 122 13.83 6.64 -11.15
N SER A 123 12.94 5.69 -10.90
CA SER A 123 12.67 4.61 -11.83
C SER A 123 11.25 4.78 -12.37
N THR A 124 11.07 4.55 -13.67
CA THR A 124 9.77 4.78 -14.29
C THR A 124 9.62 3.88 -15.50
N CYS A 125 8.35 3.62 -15.84
CA CYS A 125 8.04 2.86 -17.05
C CYS A 125 6.70 3.34 -17.57
N HIS A 126 6.70 3.92 -18.78
CA HIS A 126 5.48 4.28 -19.46
C HIS A 126 4.90 3.05 -20.14
N ALA A 127 3.58 3.07 -20.37
CA ALA A 127 2.93 1.95 -21.04
C ALA A 127 3.49 1.75 -22.45
N SER A 128 3.95 2.83 -23.09
CA SER A 128 4.48 2.74 -24.43
C SER A 128 5.88 2.14 -24.49
N ALA A 129 6.53 1.92 -23.34
CA ALA A 129 7.87 1.40 -23.31
C ALA A 129 7.86 -0.12 -23.09
N LYS A 130 8.88 -0.78 -23.63
CA LYS A 130 9.04 -2.21 -23.44
C LYS A 130 9.78 -2.54 -22.14
N VAL A 131 10.67 -1.66 -21.70
CA VAL A 131 11.37 -1.81 -20.44
C VAL A 131 11.45 -0.43 -19.77
N GLY A 132 11.45 -0.43 -18.44
CA GLY A 132 11.58 0.78 -17.68
C GLY A 132 13.00 1.30 -17.66
N THR A 133 13.17 2.42 -16.97
CA THR A 133 14.45 3.12 -16.89
C THR A 133 14.68 3.61 -15.48
N ARG A 134 15.92 3.51 -15.00
CA ARG A 134 16.32 4.01 -13.71
C ARG A 134 17.24 5.21 -13.91
N LEU A 135 16.94 6.32 -13.23
CA LEU A 135 17.62 7.57 -13.44
C LEU A 135 18.24 8.07 -12.14
N MET A 136 19.47 8.58 -12.24
CA MET A 136 20.16 9.22 -11.13
C MET A 136 20.47 10.66 -11.51
N PHE A 137 20.21 11.59 -10.59
CA PHE A 137 20.33 13.00 -10.85
C PHE A 137 21.35 13.64 -9.91
N ASP A 138 22.13 14.58 -10.43
CA ASP A 138 22.99 15.39 -9.59
C ASP A 138 22.19 16.58 -9.04
N HIS A 139 22.86 17.45 -8.29
CA HIS A 139 22.17 18.55 -7.64
C HIS A 139 21.78 19.68 -8.59
N ASN A 140 22.23 19.64 -9.85
CA ASN A 140 21.78 20.58 -10.86
C ASN A 140 20.66 20.03 -11.72
N GLY A 141 20.16 18.82 -11.41
CA GLY A 141 19.12 18.21 -12.21
C GLY A 141 19.59 17.46 -13.43
N LYS A 142 20.90 17.32 -13.60
CA LYS A 142 21.44 16.60 -14.75
C LYS A 142 21.44 15.10 -14.48
N ILE A 143 21.12 14.32 -15.52
CA ILE A 143 21.07 12.88 -15.39
C ILE A 143 22.49 12.34 -15.25
N ILE A 144 22.77 11.73 -14.11
CA ILE A 144 24.09 11.12 -13.91
C ILE A 144 24.21 9.84 -14.74
N GLN A 145 23.19 8.99 -14.68
CA GLN A 145 23.19 7.77 -15.47
C GLN A 145 21.75 7.32 -15.68
N LYS A 146 21.51 6.65 -16.82
CA LYS A 146 20.23 6.04 -17.12
C LYS A 146 20.48 4.64 -17.62
N THR A 147 19.80 3.67 -17.01
CA THR A 147 19.99 2.26 -17.34
C THR A 147 18.64 1.59 -17.53
N PRO A 148 18.56 0.60 -18.41
CA PRO A 148 17.32 -0.20 -18.51
C PRO A 148 16.99 -0.85 -17.17
N TYR A 149 15.71 -0.85 -16.84
CA TYR A 149 15.26 -1.29 -15.52
C TYR A 149 13.90 -1.95 -15.68
N PRO A 150 13.83 -3.28 -15.68
CA PRO A 150 12.54 -3.96 -15.84
C PRO A 150 11.67 -3.72 -14.62
N ARG A 151 10.54 -3.05 -14.84
CA ARG A 151 9.63 -2.70 -13.75
C ARG A 151 8.25 -2.43 -14.34
N PRO A 152 7.19 -2.57 -13.54
CA PRO A 152 5.84 -2.33 -14.07
C PRO A 152 5.59 -0.84 -14.31
N ARG A 153 4.47 -0.57 -14.96
CA ARG A 153 4.08 0.79 -15.28
C ARG A 153 3.90 1.60 -14.00
N GLY A 154 4.45 2.81 -13.99
CA GLY A 154 4.39 3.70 -12.86
C GLY A 154 5.73 4.37 -12.66
N THR A 155 5.88 5.01 -11.48
CA THR A 155 7.07 5.79 -11.19
C THR A 155 7.40 5.65 -9.70
N THR A 156 8.68 5.55 -9.39
CA THR A 156 9.18 5.54 -8.03
C THR A 156 10.21 6.65 -7.89
N VAL A 157 9.96 7.60 -6.98
CA VAL A 157 10.85 8.72 -6.74
C VAL A 157 11.46 8.56 -5.35
N SER A 158 12.79 8.51 -5.29
CA SER A 158 13.51 8.36 -4.03
C SER A 158 14.23 9.66 -3.71
N VAL A 159 13.88 10.27 -2.59
CA VAL A 159 14.52 11.49 -2.10
C VAL A 159 15.29 11.13 -0.84
N GLN A 160 16.61 11.02 -0.95
CA GLN A 160 17.43 10.58 0.17
C GLN A 160 18.23 11.75 0.74
N GLN A 161 18.19 11.88 2.06
CA GLN A 161 18.89 12.93 2.80
C GLN A 161 18.48 14.32 2.33
N LEU A 162 17.20 14.62 2.51
CA LEU A 162 16.66 15.92 2.15
C LEU A 162 17.36 17.02 2.95
N PHE A 163 17.72 18.11 2.25
CA PHE A 163 18.39 19.30 2.76
C PHE A 163 19.87 19.07 3.08
N SER A 164 20.45 17.95 2.62
CA SER A 164 21.85 17.68 2.94
C SER A 164 22.79 18.75 2.38
N THR A 165 22.44 19.34 1.24
CA THR A 165 23.27 20.37 0.63
C THR A 165 23.15 21.73 1.32
N LEU A 166 22.17 21.89 2.22
CA LEU A 166 22.02 23.11 3.02
C LEU A 166 22.21 22.73 4.49
N PRO A 167 23.46 22.71 4.98
CA PRO A 167 23.70 22.20 6.34
C PRO A 167 22.89 22.91 7.43
N VAL A 168 22.70 24.23 7.32
CA VAL A 168 21.91 24.94 8.33
C VAL A 168 20.47 24.46 8.31
N ARG A 169 19.87 24.40 7.13
CA ARG A 169 18.50 23.90 7.01
C ARG A 169 18.41 22.43 7.41
N HIS A 170 19.45 21.64 7.09
CA HIS A 170 19.45 20.22 7.44
C HIS A 170 19.39 20.02 8.95
N LYS A 171 20.14 20.83 9.71
CA LYS A 171 20.11 20.70 11.16
C LYS A 171 18.78 21.15 11.74
N GLU A 172 18.20 22.23 11.22
CA GLU A 172 16.87 22.64 11.63
C GLU A 172 15.86 21.53 11.34
N PHE A 173 16.02 20.85 10.21
CA PHE A 173 15.18 19.69 9.90
C PHE A 173 15.30 18.62 10.97
N GLN A 174 16.53 18.26 11.34
CA GLN A 174 16.74 17.22 12.35
C GLN A 174 16.24 17.67 13.72
N ARG A 175 16.56 18.89 14.12
CA ARG A 175 16.20 19.36 15.44
C ARG A 175 14.69 19.44 15.62
N ASN A 176 13.97 19.87 14.59
CA ASN A 176 12.52 20.04 14.64
C ASN A 176 11.79 18.91 13.91
N ILE A 177 12.37 17.70 13.90
CA ILE A 177 11.80 16.62 13.12
C ILE A 177 10.43 16.20 13.65
N LYS A 178 10.22 16.28 14.97
CA LYS A 178 8.93 15.89 15.52
C LYS A 178 7.81 16.79 15.01
N LYS A 179 8.06 18.10 14.96
CA LYS A 179 7.05 19.02 14.46
C LYS A 179 6.87 18.89 12.94
N GLU A 180 7.98 18.76 12.20
CA GLU A 180 7.87 18.64 10.75
C GLU A 180 7.20 17.33 10.34
N TYR A 181 7.49 16.24 11.08
CA TYR A 181 6.86 14.96 10.75
C TYR A 181 5.37 14.97 11.07
N ALA A 182 4.98 15.60 12.18
CA ALA A 182 3.57 15.69 12.51
C ALA A 182 2.80 16.50 11.47
N LYS A 183 3.41 17.59 10.98
CA LYS A 183 2.77 18.37 9.93
C LYS A 183 2.62 17.55 8.65
N MET A 184 3.61 16.73 8.33
CA MET A 184 3.51 15.92 7.12
C MET A 184 2.43 14.86 7.25
N VAL A 185 2.30 14.27 8.43
CA VAL A 185 1.27 13.27 8.68
C VAL A 185 -0.11 13.88 8.48
N GLN A 186 -0.29 15.12 8.94
CA GLN A 186 -1.57 15.80 8.76
C GLN A 186 -1.90 15.96 7.28
N VAL A 187 -0.92 16.37 6.48
CA VAL A 187 -1.13 16.49 5.03
C VAL A 187 -1.42 15.14 4.42
N LEU A 188 -0.68 14.11 4.84
CA LEU A 188 -0.89 12.77 4.31
C LEU A 188 -2.27 12.23 4.67
N HIS A 189 -2.73 12.51 5.89
CA HIS A 189 -4.07 12.07 6.30
C HIS A 189 -5.14 12.73 5.43
N ALA A 190 -4.95 14.00 5.09
CA ALA A 190 -5.93 14.70 4.25
C ALA A 190 -6.07 14.03 2.89
N TYR A 191 -4.95 13.67 2.26
CA TYR A 191 -5.01 13.00 0.97
C TYR A 191 -5.58 11.60 1.10
N CYS A 192 -5.26 10.89 2.19
CA CYS A 192 -5.82 9.57 2.41
C CYS A 192 -7.35 9.63 2.49
N ILE A 193 -7.88 10.65 3.17
CA ILE A 193 -9.32 10.75 3.38
C ILE A 193 -10.05 11.03 2.07
N ILE A 194 -9.53 11.98 1.29
CA ILE A 194 -10.25 12.45 0.11
C ILE A 194 -10.01 11.57 -1.12
N SER A 195 -8.96 10.77 -1.14
CA SER A 195 -8.62 9.98 -2.33
C SER A 195 -9.34 8.64 -2.31
N ALA A 196 -10.65 8.71 -2.53
CA ALA A 196 -11.46 7.50 -2.64
C ALA A 196 -11.06 6.72 -3.88
N GLY A 197 -11.02 5.40 -3.74
CA GLY A 197 -10.64 4.51 -4.82
C GLY A 197 -9.14 4.37 -5.02
N ILE A 198 -8.31 4.99 -4.19
CA ILE A 198 -6.87 4.95 -4.32
C ILE A 198 -6.30 4.41 -3.01
N ARG A 199 -5.45 3.39 -3.11
CA ARG A 199 -4.79 2.81 -1.94
C ARG A 199 -3.51 3.59 -1.65
N VAL A 200 -3.54 4.37 -0.57
CA VAL A 200 -2.38 5.11 -0.11
C VAL A 200 -1.89 4.44 1.17
N SER A 201 -0.59 4.16 1.23
CA SER A 201 -0.01 3.53 2.41
C SER A 201 1.30 4.24 2.75
N CYS A 202 1.67 4.19 4.04
CA CYS A 202 2.90 4.83 4.48
C CYS A 202 3.51 4.04 5.62
N THR A 203 4.82 3.87 5.58
CA THR A 203 5.59 3.25 6.65
C THR A 203 6.77 4.14 7.00
N ASN A 204 7.27 3.96 8.21
CA ASN A 204 8.43 4.69 8.71
C ASN A 204 9.36 3.71 9.39
N GLN A 205 10.66 3.89 9.15
CA GLN A 205 11.69 3.01 9.70
C GLN A 205 12.75 3.84 10.39
N LEU A 206 13.01 3.51 11.65
CA LEU A 206 13.99 4.23 12.46
C LEU A 206 15.25 3.38 12.54
N GLY A 207 16.33 3.87 11.93
CA GLY A 207 17.59 3.15 11.98
C GLY A 207 17.48 1.79 11.32
N GLN A 208 17.95 0.77 12.03
CA GLN A 208 17.91 -0.61 11.56
C GLN A 208 16.69 -1.38 12.05
N GLY A 209 15.74 -0.68 12.68
CA GLY A 209 14.57 -1.33 13.25
C GLY A 209 13.56 -1.75 12.19
N LYS A 210 12.48 -2.35 12.67
CA LYS A 210 11.43 -2.81 11.77
C LYS A 210 10.60 -1.64 11.27
N ARG A 211 9.97 -1.85 10.11
CA ARG A 211 9.06 -0.85 9.56
C ARG A 211 7.84 -0.71 10.47
N GLN A 212 7.40 0.52 10.64
CA GLN A 212 6.28 0.81 11.51
C GLN A 212 5.13 1.37 10.68
N PRO A 213 3.91 0.88 10.87
CA PRO A 213 2.78 1.40 10.11
C PRO A 213 2.48 2.84 10.49
N VAL A 214 2.19 3.67 9.49
CA VAL A 214 1.79 5.05 9.68
C VAL A 214 0.33 5.25 9.32
N VAL A 215 -0.05 4.83 8.12
CA VAL A 215 -1.43 4.92 7.63
C VAL A 215 -1.55 4.10 6.37
N CYS A 216 -2.76 3.59 6.09
CA CYS A 216 -3.04 2.99 4.80
C CYS A 216 -4.55 2.93 4.57
N THR A 217 -4.97 3.28 3.37
CA THR A 217 -6.37 3.18 2.96
C THR A 217 -6.58 1.92 2.10
N GLY A 218 -7.82 1.46 2.05
CA GLY A 218 -8.15 0.22 1.41
C GLY A 218 -8.68 0.31 -0.01
N GLY A 219 -8.55 1.44 -0.67
CA GLY A 219 -9.09 1.59 -2.01
C GLY A 219 -10.60 1.62 -2.05
N SER A 220 -11.22 2.20 -1.08
CA SER A 220 -12.66 2.25 -0.92
C SER A 220 -13.26 3.41 -1.71
N PRO A 221 -14.48 3.25 -2.22
CA PRO A 221 -15.08 4.31 -3.03
C PRO A 221 -15.69 5.46 -2.23
N SER A 222 -15.71 5.39 -0.90
CA SER A 222 -16.36 6.40 -0.08
C SER A 222 -15.36 7.06 0.86
N ILE A 223 -15.56 8.37 1.08
CA ILE A 223 -14.78 9.10 2.07
C ILE A 223 -14.98 8.49 3.46
N LYS A 224 -16.19 8.00 3.73
CA LYS A 224 -16.49 7.43 5.05
C LYS A 224 -15.60 6.23 5.34
N GLU A 225 -15.40 5.36 4.35
CA GLU A 225 -14.55 4.19 4.57
C GLU A 225 -13.09 4.58 4.71
N ASN A 226 -12.64 5.61 3.97
CA ASN A 226 -11.27 6.09 4.13
C ASN A 226 -11.02 6.61 5.54
N ILE A 227 -12.01 7.31 6.11
CA ILE A 227 -11.89 7.77 7.49
C ILE A 227 -11.73 6.58 8.43
N GLY A 228 -12.52 5.52 8.21
CA GLY A 228 -12.40 4.34 9.04
C GLY A 228 -11.05 3.66 8.91
N SER A 229 -10.47 3.67 7.70
CA SER A 229 -9.16 3.08 7.51
C SER A 229 -8.07 3.89 8.21
N VAL A 230 -8.20 5.21 8.21
CA VAL A 230 -7.14 6.06 8.76
C VAL A 230 -7.21 6.11 10.27
N PHE A 231 -8.41 6.27 10.84
CA PHE A 231 -8.55 6.49 12.27
C PHE A 231 -9.24 5.34 13.01
N GLY A 232 -9.75 4.35 12.29
CA GLY A 232 -10.45 3.25 12.93
C GLY A 232 -11.95 3.45 12.90
N GLN A 233 -12.68 2.34 13.06
CA GLN A 233 -14.13 2.39 13.07
C GLN A 233 -14.68 3.12 14.28
N LYS A 234 -13.92 3.17 15.39
CA LYS A 234 -14.38 3.89 16.57
C LYS A 234 -14.55 5.38 16.29
N GLN A 235 -13.71 5.94 15.42
CA GLN A 235 -13.85 7.35 15.06
C GLN A 235 -15.15 7.59 14.30
N LEU A 236 -15.59 6.63 13.50
CA LEU A 236 -16.83 6.79 12.73
C LEU A 236 -18.08 6.79 13.60
N GLN A 237 -18.01 6.17 14.79
CA GLN A 237 -19.21 6.02 15.60
C GLN A 237 -19.70 7.34 16.19
N SER A 238 -18.84 8.35 16.28
CA SER A 238 -19.22 9.65 16.84
C SER A 238 -19.42 10.71 15.76
N LEU A 239 -19.59 10.31 14.50
CA LEU A 239 -19.71 11.25 13.40
C LEU A 239 -21.13 11.21 12.82
N ILE A 240 -21.56 12.34 12.28
CA ILE A 240 -22.80 12.43 11.54
C ILE A 240 -22.49 13.02 10.16
N PRO A 241 -23.23 12.63 9.11
CA PRO A 241 -22.97 13.22 7.80
C PRO A 241 -23.46 14.65 7.72
N PHE A 242 -22.78 15.45 6.91
CA PHE A 242 -23.22 16.82 6.66
C PHE A 242 -24.51 16.80 5.84
N VAL A 243 -25.48 17.61 6.26
CA VAL A 243 -26.75 17.74 5.57
C VAL A 243 -26.92 19.20 5.19
N GLN A 244 -26.80 19.49 3.90
CA GLN A 244 -26.87 20.86 3.42
C GLN A 244 -28.31 21.36 3.42
N LEU A 245 -28.52 22.56 3.96
CA LEU A 245 -29.81 23.22 3.98
C LEU A 245 -29.71 24.57 3.26
N PRO A 246 -30.82 25.08 2.74
CA PRO A 246 -30.82 26.46 2.27
C PRO A 246 -30.60 27.39 3.43
N PRO A 247 -29.91 28.52 3.21
CA PRO A 247 -29.67 29.44 4.32
C PRO A 247 -30.98 30.00 4.86
N SER A 248 -31.06 30.10 6.19
CA SER A 248 -32.27 30.57 6.83
C SER A 248 -32.33 32.10 6.81
N ASP A 249 -33.55 32.63 6.89
CA ASP A 249 -33.74 34.08 6.96
C ASP A 249 -32.96 34.70 8.10
N SER A 250 -32.98 34.07 9.28
CA SER A 250 -32.24 34.59 10.42
C SER A 250 -30.74 34.64 10.13
N VAL A 251 -30.19 33.54 9.62
CA VAL A 251 -28.77 33.49 9.32
C VAL A 251 -28.43 34.40 8.14
N CYS A 252 -29.32 34.47 7.15
CA CYS A 252 -29.12 35.39 6.04
C CYS A 252 -29.07 36.84 6.53
N GLU A 253 -29.92 37.19 7.49
CA GLU A 253 -29.90 38.55 8.03
C GLU A 253 -28.61 38.80 8.80
N GLU A 254 -28.12 37.79 9.53
CA GLU A 254 -26.88 37.96 10.28
C GLU A 254 -25.69 38.27 9.38
N TYR A 255 -25.70 37.75 8.14
CA TYR A 255 -24.64 38.02 7.18
C TYR A 255 -25.00 39.10 6.17
N GLY A 256 -26.16 39.74 6.33
CA GLY A 256 -26.57 40.77 5.41
C GLY A 256 -26.88 40.27 4.01
N LEU A 257 -27.49 39.09 3.90
CA LEU A 257 -27.82 38.50 2.62
C LEU A 257 -29.31 38.65 2.34
N SER A 258 -29.65 39.01 1.12
CA SER A 258 -31.03 39.13 0.69
C SER A 258 -31.49 37.83 0.05
N CYS A 259 -32.77 37.76 -0.33
CA CYS A 259 -33.27 36.59 -1.02
C CYS A 259 -32.66 36.46 -2.41
N SER A 260 -32.27 37.58 -3.02
CA SER A 260 -31.63 37.54 -4.33
C SER A 260 -30.17 37.14 -4.25
N ASP A 261 -29.48 37.49 -3.16
CA ASP A 261 -28.09 37.08 -2.99
C ASP A 261 -27.97 35.58 -2.82
N ALA A 262 -28.97 34.94 -2.21
CA ALA A 262 -28.98 33.51 -1.97
C ALA A 262 -29.61 32.70 -3.08
N LEU A 263 -30.11 33.36 -4.14
CA LEU A 263 -30.75 32.65 -5.23
C LEU A 263 -29.74 32.01 -6.18
N HIS A 264 -28.55 32.59 -6.31
CA HIS A 264 -27.49 32.01 -7.15
C HIS A 264 -26.56 31.11 -6.34
N ASN A 265 -27.13 30.25 -5.50
CA ASN A 265 -26.31 29.37 -4.67
C ASN A 265 -25.74 28.25 -5.53
N LEU A 266 -24.40 28.17 -5.58
CA LEU A 266 -23.71 27.13 -6.31
C LEU A 266 -22.77 26.33 -5.42
N PHE A 267 -22.88 26.47 -4.11
CA PHE A 267 -22.05 25.73 -3.16
C PHE A 267 -22.68 24.37 -2.86
N TYR A 268 -21.87 23.31 -2.93
CA TYR A 268 -22.29 21.97 -2.56
C TYR A 268 -21.31 21.44 -1.53
N ILE A 269 -21.78 21.23 -0.29
CA ILE A 269 -20.94 20.83 0.83
C ILE A 269 -21.29 19.41 1.22
N SER A 270 -20.26 18.60 1.50
CA SER A 270 -20.46 17.23 1.93
C SER A 270 -19.34 16.84 2.89
N GLY A 271 -19.59 15.79 3.66
CA GLY A 271 -18.59 15.30 4.58
C GLY A 271 -19.15 14.80 5.90
N PHE A 272 -18.34 14.89 6.96
CA PHE A 272 -18.72 14.36 8.26
C PHE A 272 -18.21 15.29 9.36
N ILE A 273 -18.94 15.32 10.47
CA ILE A 273 -18.55 16.12 11.62
C ILE A 273 -18.97 15.36 12.88
N SER A 274 -18.27 15.64 13.98
CA SER A 274 -18.59 15.02 15.26
C SER A 274 -20.00 15.41 15.71
N GLN A 275 -20.65 14.49 16.43
CA GLN A 275 -21.87 14.84 17.12
C GLN A 275 -21.59 15.89 18.19
N CYS A 276 -22.58 16.74 18.43
CA CYS A 276 -22.40 17.79 19.44
C CYS A 276 -22.61 17.29 20.85
N THR A 277 -23.02 16.03 21.02
CA THR A 277 -23.25 15.45 22.33
C THR A 277 -22.02 15.64 23.21
N HIS A 278 -22.26 16.03 24.46
CA HIS A 278 -21.15 16.36 25.34
CA HIS A 278 -21.18 16.35 25.38
C HIS A 278 -20.28 15.14 25.63
N GLY A 279 -18.97 15.35 25.51
CA GLY A 279 -17.98 14.32 25.69
C GLY A 279 -17.59 13.61 24.41
N VAL A 280 -18.47 13.59 23.40
CA VAL A 280 -18.19 12.88 22.15
C VAL A 280 -17.18 13.60 21.27
N GLY A 281 -16.89 14.87 21.55
CA GLY A 281 -15.96 15.63 20.75
C GLY A 281 -14.52 15.27 21.06
N ARG A 282 -13.62 16.13 20.59
CA ARG A 282 -12.19 15.93 20.75
C ARG A 282 -11.58 17.03 21.60
N SER A 283 -10.40 16.75 22.16
CA SER A 283 -9.73 17.69 23.04
C SER A 283 -9.18 18.90 22.29
N SER A 284 -8.90 18.77 21.00
CA SER A 284 -8.31 19.85 20.23
C SER A 284 -8.75 19.72 18.78
N THR A 285 -8.26 20.65 17.95
CA THR A 285 -8.52 20.66 16.52
C THR A 285 -7.51 19.81 15.74
N ASP A 286 -7.13 18.66 16.28
CA ASP A 286 -6.10 17.83 15.67
C ASP A 286 -6.61 17.04 14.46
N ARG A 287 -7.93 16.93 14.27
CA ARG A 287 -8.51 16.15 13.18
C ARG A 287 -9.59 16.98 12.49
N GLN A 288 -9.18 18.07 11.83
CA GLN A 288 -10.09 18.91 11.06
C GLN A 288 -9.51 19.05 9.66
N PHE A 289 -10.21 18.52 8.66
CA PHE A 289 -9.74 18.45 7.29
C PHE A 289 -10.74 19.14 6.38
N PHE A 290 -10.31 20.21 5.73
CA PHE A 290 -11.15 20.97 4.82
C PHE A 290 -10.64 20.83 3.39
N PHE A 291 -11.58 20.78 2.44
CA PHE A 291 -11.25 20.59 1.03
C PHE A 291 -12.10 21.53 0.19
N ILE A 292 -11.50 22.11 -0.83
CA ILE A 292 -12.21 22.87 -1.86
C ILE A 292 -11.98 22.14 -3.17
N ASN A 293 -13.05 21.60 -3.75
CA ASN A 293 -12.97 20.80 -4.97
C ASN A 293 -11.94 19.67 -4.82
N ARG A 294 -12.10 18.90 -3.74
CA ARG A 294 -11.28 17.76 -3.37
C ARG A 294 -9.84 18.13 -3.04
N ARG A 295 -9.48 19.42 -3.04
CA ARG A 295 -8.10 19.82 -2.78
C ARG A 295 -7.93 20.22 -1.33
N PRO A 296 -6.98 19.61 -0.61
CA PRO A 296 -6.76 20.01 0.80
C PRO A 296 -6.33 21.46 0.91
N CYS A 297 -6.93 22.17 1.86
CA CYS A 297 -6.65 23.59 2.06
C CYS A 297 -7.11 23.99 3.45
N ASP A 298 -6.80 25.23 3.81
CA ASP A 298 -7.16 25.78 5.12
C ASP A 298 -7.92 27.09 4.94
N PRO A 299 -9.25 27.02 4.76
CA PRO A 299 -10.05 28.25 4.72
C PRO A 299 -10.29 28.77 6.13
N ALA A 300 -9.69 29.93 6.43
CA ALA A 300 -9.69 30.43 7.79
C ALA A 300 -11.09 30.75 8.29
N LYS A 301 -11.85 31.54 7.52
CA LYS A 301 -13.18 31.93 7.96
C LYS A 301 -14.12 30.73 8.07
N VAL A 302 -14.02 29.78 7.14
CA VAL A 302 -14.86 28.59 7.19
C VAL A 302 -14.50 27.75 8.41
N CYS A 303 -13.21 27.56 8.67
CA CYS A 303 -12.78 26.76 9.81
C CYS A 303 -13.25 27.38 11.13
N ARG A 304 -13.13 28.69 11.26
CA ARG A 304 -13.57 29.36 12.48
C ARG A 304 -15.07 29.20 12.67
N LEU A 305 -15.84 29.30 11.58
CA LEU A 305 -17.28 29.17 11.67
C LEU A 305 -17.70 27.78 12.14
N VAL A 306 -17.02 26.75 11.65
CA VAL A 306 -17.38 25.37 12.02
C VAL A 306 -17.15 25.15 13.51
N ASN A 307 -16.00 25.59 14.01
CA ASN A 307 -15.73 25.45 15.43
C ASN A 307 -16.65 26.32 16.27
N GLU A 308 -17.09 27.46 15.73
CA GLU A 308 -17.96 28.36 16.49
C GLU A 308 -19.34 27.75 16.67
N VAL A 309 -19.90 27.17 15.61
CA VAL A 309 -21.23 26.57 15.71
C VAL A 309 -21.20 25.34 16.61
N TYR A 310 -20.13 24.55 16.52
CA TYR A 310 -20.00 23.39 17.40
C TYR A 310 -19.91 23.83 18.86
N HIS A 311 -19.21 24.94 19.12
CA HIS A 311 -19.12 25.46 20.47
C HIS A 311 -20.45 26.00 20.98
N MET A 312 -21.37 26.35 20.08
CA MET A 312 -22.71 26.73 20.50
C MET A 312 -23.42 25.59 21.22
N TYR A 313 -23.03 24.35 20.92
CA TYR A 313 -23.64 23.17 21.52
C TYR A 313 -22.68 22.38 22.39
N ASN A 314 -21.37 22.57 22.21
CA ASN A 314 -20.33 21.83 22.94
C ASN A 314 -19.11 22.75 23.03
N ARG A 315 -19.20 23.75 23.92
CA ARG A 315 -18.14 24.73 24.04
C ARG A 315 -16.86 24.14 24.61
N HIS A 316 -16.95 23.03 25.33
CA HIS A 316 -15.78 22.44 25.97
C HIS A 316 -14.90 21.66 25.00
N GLN A 317 -15.42 21.22 23.86
CA GLN A 317 -14.68 20.35 22.95
C GLN A 317 -14.65 20.92 21.55
N TYR A 318 -13.78 20.34 20.72
CA TYR A 318 -13.61 20.63 19.30
C TYR A 318 -14.02 19.40 18.48
N PRO A 319 -14.62 19.59 17.31
CA PRO A 319 -15.13 18.45 16.55
C PRO A 319 -14.11 17.86 15.58
N PHE A 320 -14.30 16.58 15.29
CA PHE A 320 -13.71 15.99 14.10
C PHE A 320 -14.42 16.56 12.88
N VAL A 321 -13.66 16.97 11.87
CA VAL A 321 -14.23 17.64 10.70
C VAL A 321 -13.60 17.06 9.44
N VAL A 322 -14.46 16.61 8.52
CA VAL A 322 -14.08 16.35 7.13
C VAL A 322 -15.15 17.01 6.28
N LEU A 323 -14.81 18.11 5.61
CA LEU A 323 -15.77 18.90 4.85
C LEU A 323 -15.18 19.26 3.50
N ASN A 324 -15.85 18.85 2.43
CA ASN A 324 -15.48 19.23 1.07
C ASN A 324 -16.46 20.26 0.56
N ILE A 325 -15.93 21.36 0.02
CA ILE A 325 -16.74 22.43 -0.55
C ILE A 325 -16.59 22.35 -2.06
N SER A 326 -17.67 22.03 -2.74
CA SER A 326 -17.67 21.90 -4.19
C SER A 326 -18.29 23.14 -4.81
N VAL A 327 -17.55 23.77 -5.72
CA VAL A 327 -17.94 25.05 -6.30
C VAL A 327 -17.26 25.17 -7.65
N ASP A 328 -17.79 26.02 -8.53
CA ASP A 328 -17.17 26.21 -9.83
C ASP A 328 -15.74 26.72 -9.64
N SER A 329 -14.85 26.30 -10.54
CA SER A 329 -13.44 26.65 -10.42
C SER A 329 -13.21 28.14 -10.53
N GLU A 330 -14.03 28.83 -11.33
CA GLU A 330 -13.86 30.25 -11.56
C GLU A 330 -14.15 31.10 -10.33
N CYS A 331 -14.75 30.52 -9.29
CA CYS A 331 -15.09 31.24 -8.07
C CYS A 331 -14.07 31.03 -6.95
N VAL A 332 -12.92 30.44 -7.26
CA VAL A 332 -11.87 30.19 -6.28
C VAL A 332 -10.64 30.98 -6.70
N ASP A 333 -10.17 31.86 -5.82
CA ASP A 333 -8.99 32.67 -6.10
C ASP A 333 -8.09 32.79 -4.88
N GLN A 342 -4.14 32.56 0.86
CA GLN A 342 -5.43 32.55 1.53
C GLN A 342 -6.56 32.29 0.53
N ILE A 343 -7.42 31.33 0.86
CA ILE A 343 -8.51 30.94 -0.03
C ILE A 343 -9.48 32.10 -0.17
N LEU A 344 -9.70 32.54 -1.41
CA LEU A 344 -10.63 33.63 -1.71
C LEU A 344 -11.80 33.03 -2.49
N LEU A 345 -12.90 32.76 -1.79
CA LEU A 345 -14.10 32.20 -2.39
C LEU A 345 -15.10 33.32 -2.65
N GLN A 346 -15.52 33.44 -3.90
CA GLN A 346 -16.55 34.42 -4.23
C GLN A 346 -17.87 34.03 -3.57
N GLU A 347 -18.63 35.05 -3.16
CA GLU A 347 -19.87 34.85 -2.40
C GLU A 347 -19.61 34.03 -1.13
N GLU A 348 -18.50 34.34 -0.45
CA GLU A 348 -18.13 33.61 0.75
C GLU A 348 -19.17 33.76 1.85
N LYS A 349 -19.82 34.94 1.92
CA LYS A 349 -20.87 35.13 2.91
C LYS A 349 -22.02 34.16 2.70
N LEU A 350 -22.34 33.84 1.44
CA LEU A 350 -23.37 32.85 1.17
C LEU A 350 -22.92 31.47 1.64
N LEU A 351 -21.67 31.11 1.40
CA LEU A 351 -21.16 29.81 1.85
C LEU A 351 -21.19 29.71 3.36
N LEU A 352 -20.77 30.77 4.07
CA LEU A 352 -20.80 30.75 5.53
C LEU A 352 -22.24 30.64 6.03
N ALA A 353 -23.18 31.33 5.37
CA ALA A 353 -24.57 31.26 5.79
C ALA A 353 -25.14 29.85 5.60
N VAL A 354 -24.78 29.20 4.49
CA VAL A 354 -25.23 27.82 4.26
C VAL A 354 -24.61 26.89 5.30
N LEU A 355 -23.32 27.05 5.59
CA LEU A 355 -22.66 26.18 6.56
C LEU A 355 -23.28 26.32 7.93
N LYS A 356 -23.48 27.56 8.40
CA LYS A 356 -24.04 27.76 9.72
C LYS A 356 -25.46 27.23 9.81
N THR A 357 -26.29 27.53 8.79
CA THR A 357 -27.66 27.03 8.80
C THR A 357 -27.70 25.51 8.80
N SER A 358 -26.86 24.87 7.98
CA SER A 358 -26.84 23.42 7.93
C SER A 358 -26.38 22.81 9.24
N LEU A 359 -25.31 23.36 9.83
CA LEU A 359 -24.78 22.81 11.08
C LEU A 359 -25.78 22.96 12.22
N ILE A 360 -26.52 24.07 12.23
CA ILE A 360 -27.52 24.28 13.28
C ILE A 360 -28.64 23.26 13.16
N GLY A 361 -29.09 22.99 11.93
CA GLY A 361 -30.12 21.98 11.73
C GLY A 361 -29.66 20.58 12.08
N MET A 362 -28.36 20.32 11.94
CA MET A 362 -27.81 19.00 12.26
C MET A 362 -27.70 18.81 13.76
N PHE A 363 -27.21 19.82 14.48
CA PHE A 363 -26.97 19.71 15.91
C PHE A 363 -28.24 19.86 16.74
N ASP A 364 -29.28 20.46 16.18
CA ASP A 364 -30.55 20.58 16.88
C ASP A 364 -31.20 19.22 17.07
N VAL B 32 -9.46 -22.64 1.04
CA VAL B 32 -9.81 -24.01 0.70
C VAL B 32 -9.69 -24.91 1.91
N LEU B 33 -8.45 -25.25 2.28
CA LEU B 33 -8.15 -25.98 3.49
C LEU B 33 -7.77 -25.08 4.66
N SER B 34 -7.06 -23.98 4.38
CA SER B 34 -6.59 -23.09 5.43
C SER B 34 -6.56 -21.67 4.90
N LEU B 35 -6.23 -20.73 5.78
CA LEU B 35 -6.04 -19.34 5.37
C LEU B 35 -4.91 -19.22 4.37
N SER B 36 -3.82 -19.95 4.58
CA SER B 36 -2.66 -19.85 3.71
C SER B 36 -2.96 -20.38 2.31
N THR B 37 -3.67 -21.50 2.21
CA THR B 37 -3.97 -22.05 0.90
C THR B 37 -5.00 -21.20 0.15
N ALA B 38 -5.94 -20.59 0.87
CA ALA B 38 -6.89 -19.69 0.22
C ALA B 38 -6.17 -18.48 -0.37
N VAL B 39 -5.25 -17.89 0.40
CA VAL B 39 -4.45 -16.78 -0.12
C VAL B 39 -3.58 -17.25 -1.28
N LYS B 40 -3.02 -18.45 -1.18
CA LYS B 40 -2.18 -18.97 -2.25
C LYS B 40 -2.96 -19.10 -3.55
N GLU B 41 -4.19 -19.64 -3.48
CA GLU B 41 -5.00 -19.80 -4.68
C GLU B 41 -5.35 -18.45 -5.31
N LEU B 42 -5.72 -17.47 -4.48
CA LEU B 42 -6.10 -16.17 -5.02
C LEU B 42 -4.91 -15.43 -5.61
N VAL B 43 -3.74 -15.52 -4.96
CA VAL B 43 -2.55 -14.88 -5.49
C VAL B 43 -2.14 -15.50 -6.82
N GLU B 44 -2.19 -16.84 -6.90
CA GLU B 44 -1.87 -17.52 -8.16
C GLU B 44 -2.82 -17.08 -9.26
N ASN B 45 -4.09 -16.88 -8.94
CA ASN B 45 -5.05 -16.41 -9.94
C ASN B 45 -4.69 -15.01 -10.42
N SER B 46 -4.29 -14.12 -9.50
CA SER B 46 -3.85 -12.79 -9.91
C SER B 46 -2.59 -12.88 -10.76
N LEU B 47 -1.65 -13.76 -10.37
CA LEU B 47 -0.45 -13.96 -11.19
C LEU B 47 -0.82 -14.51 -12.56
N ASP B 48 -1.74 -15.46 -12.62
CA ASP B 48 -2.18 -16.02 -13.89
C ASP B 48 -2.80 -14.96 -14.79
N ALA B 49 -3.45 -13.96 -14.20
CA ALA B 49 -4.08 -12.90 -14.97
C ALA B 49 -3.10 -11.82 -15.42
N GLY B 50 -1.81 -12.00 -15.15
CA GLY B 50 -0.82 -11.03 -15.58
C GLY B 50 -0.79 -9.75 -14.76
N ALA B 51 -1.11 -9.83 -13.48
CA ALA B 51 -1.15 -8.65 -12.64
C ALA B 51 0.26 -8.15 -12.31
N THR B 52 0.39 -6.83 -12.21
CA THR B 52 1.61 -6.19 -11.71
C THR B 52 1.43 -5.59 -10.32
N ASN B 53 0.19 -5.47 -9.85
CA ASN B 53 -0.11 -5.09 -8.48
C ASN B 53 -1.03 -6.15 -7.90
N ILE B 54 -0.66 -6.68 -6.73
CA ILE B 54 -1.47 -7.65 -6.02
C ILE B 54 -1.57 -7.19 -4.57
N ASP B 55 -2.77 -6.82 -4.14
CA ASP B 55 -3.02 -6.28 -2.81
C ASP B 55 -3.86 -7.27 -2.03
N LEU B 56 -3.33 -7.73 -0.90
CA LEU B 56 -4.03 -8.64 -0.01
C LEU B 56 -4.54 -7.83 1.18
N LYS B 57 -5.85 -7.75 1.32
CA LYS B 57 -6.48 -7.00 2.40
C LYS B 57 -7.10 -7.97 3.38
N LEU B 58 -6.68 -7.89 4.64
CA LEU B 58 -7.16 -8.77 5.69
C LEU B 58 -7.88 -7.98 6.76
N LYS B 59 -8.91 -8.60 7.34
CA LYS B 59 -9.59 -8.09 8.53
C LYS B 59 -9.56 -9.18 9.59
N ASP B 60 -9.06 -8.84 10.76
CA ASP B 60 -8.89 -9.81 11.86
C ASP B 60 -8.05 -11.00 11.41
N TYR B 61 -6.92 -10.71 10.77
CA TYR B 61 -5.97 -11.71 10.28
C TYR B 61 -6.58 -12.62 9.22
N GLY B 62 -7.71 -12.24 8.62
CA GLY B 62 -8.38 -13.06 7.64
C GLY B 62 -9.59 -13.80 8.15
N VAL B 63 -9.86 -13.76 9.46
CA VAL B 63 -11.05 -14.41 9.99
C VAL B 63 -12.31 -13.73 9.47
N ASP B 64 -12.28 -12.41 9.36
CA ASP B 64 -13.45 -11.66 8.87
C ASP B 64 -13.42 -11.46 7.37
N LEU B 65 -12.25 -11.16 6.80
CA LEU B 65 -12.16 -10.83 5.38
C LEU B 65 -10.81 -11.23 4.84
N ILE B 66 -10.83 -11.90 3.69
CA ILE B 66 -9.65 -12.14 2.87
C ILE B 66 -9.96 -11.59 1.49
N GLU B 67 -9.27 -10.53 1.09
CA GLU B 67 -9.56 -9.83 -0.15
C GLU B 67 -8.28 -9.64 -0.95
N VAL B 68 -8.26 -10.13 -2.19
CA VAL B 68 -7.13 -9.99 -3.09
C VAL B 68 -7.58 -9.15 -4.27
N SER B 69 -6.91 -8.01 -4.48
CA SER B 69 -7.20 -7.09 -5.57
C SER B 69 -6.00 -7.03 -6.49
N ASP B 70 -6.23 -7.12 -7.79
CA ASP B 70 -5.16 -7.09 -8.77
C ASP B 70 -5.54 -6.20 -9.94
N ASN B 71 -4.54 -5.83 -10.72
CA ASN B 71 -4.72 -5.07 -11.96
C ASN B 71 -4.48 -5.95 -13.18
N GLY B 72 -4.88 -7.22 -13.09
CA GLY B 72 -4.72 -8.15 -14.18
C GLY B 72 -5.71 -7.92 -15.30
N CYS B 73 -5.91 -8.93 -16.15
CA CYS B 73 -6.72 -8.77 -17.35
C CYS B 73 -8.21 -8.64 -17.03
N GLY B 74 -8.65 -9.09 -15.86
CA GLY B 74 -10.06 -9.08 -15.54
C GLY B 74 -10.79 -10.22 -16.22
N VAL B 75 -12.10 -10.24 -16.01
CA VAL B 75 -12.97 -11.31 -16.52
C VAL B 75 -14.02 -10.68 -17.45
N GLU B 76 -14.18 -11.28 -18.62
CA GLU B 76 -15.20 -10.84 -19.56
C GLU B 76 -16.58 -11.26 -19.10
N GLU B 77 -17.59 -10.53 -19.56
CA GLU B 77 -18.97 -10.78 -19.12
C GLU B 77 -19.42 -12.19 -19.47
N GLU B 78 -19.02 -12.70 -20.63
CA GLU B 78 -19.44 -14.02 -21.06
C GLU B 78 -18.85 -15.14 -20.20
N ASN B 79 -17.87 -14.85 -19.35
CA ASN B 79 -17.24 -15.85 -18.51
C ASN B 79 -17.57 -15.68 -17.03
N PHE B 80 -18.55 -14.84 -16.70
CA PHE B 80 -18.88 -14.61 -15.30
C PHE B 80 -19.38 -15.87 -14.60
N GLU B 81 -20.30 -16.59 -15.24
CA GLU B 81 -20.79 -17.83 -14.65
C GLU B 81 -19.70 -18.90 -14.58
N GLY B 82 -18.76 -18.88 -15.51
CA GLY B 82 -17.67 -19.84 -15.50
C GLY B 82 -16.66 -19.64 -14.39
N LEU B 83 -16.74 -18.53 -13.65
CA LEU B 83 -15.82 -18.31 -12.53
C LEU B 83 -15.97 -19.41 -11.48
N THR B 84 -17.20 -19.85 -11.23
CA THR B 84 -17.44 -20.91 -10.24
C THR B 84 -18.07 -22.12 -10.91
N GLU B 109 -12.36 -27.00 -7.58
CA GLU B 109 -11.94 -25.67 -8.02
C GLU B 109 -11.82 -24.70 -6.86
N ALA B 110 -10.88 -23.77 -6.96
CA ALA B 110 -10.60 -22.85 -5.87
C ALA B 110 -11.78 -21.92 -5.60
N LEU B 111 -12.25 -21.23 -6.65
CA LEU B 111 -13.32 -20.25 -6.46
C LEU B 111 -14.63 -20.94 -6.08
N SER B 112 -14.90 -22.12 -6.64
CA SER B 112 -16.10 -22.86 -6.26
C SER B 112 -16.03 -23.33 -4.82
N SER B 113 -14.85 -23.78 -4.37
CA SER B 113 -14.71 -24.21 -2.99
C SER B 113 -14.83 -23.02 -2.04
N LEU B 114 -14.33 -21.86 -2.43
CA LEU B 114 -14.44 -20.67 -1.58
C LEU B 114 -15.90 -20.24 -1.44
N CYS B 115 -16.69 -20.37 -2.49
CA CYS B 115 -18.10 -20.04 -2.41
C CYS B 115 -18.83 -20.95 -1.44
N ALA B 116 -18.48 -22.23 -1.42
CA ALA B 116 -19.12 -23.18 -0.51
C ALA B 116 -18.73 -22.93 0.95
N LEU B 117 -17.60 -22.27 1.20
CA LEU B 117 -17.08 -22.10 2.54
C LEU B 117 -17.18 -20.66 3.05
N SER B 118 -17.67 -19.72 2.23
CA SER B 118 -17.67 -18.32 2.61
C SER B 118 -18.65 -17.57 1.71
N ASP B 119 -18.81 -16.28 1.98
CA ASP B 119 -19.55 -15.37 1.12
C ASP B 119 -18.57 -14.65 0.21
N VAL B 120 -18.68 -14.90 -1.10
CA VAL B 120 -17.72 -14.42 -2.08
C VAL B 120 -18.35 -13.29 -2.89
N THR B 121 -17.68 -12.14 -2.91
CA THR B 121 -18.04 -11.03 -3.76
C THR B 121 -16.86 -10.75 -4.69
N ILE B 122 -17.15 -10.58 -5.98
CA ILE B 122 -16.12 -10.35 -6.99
C ILE B 122 -16.51 -9.13 -7.81
N SER B 123 -15.61 -8.17 -7.90
CA SER B 123 -15.70 -7.07 -8.84
C SER B 123 -14.58 -7.21 -9.86
N THR B 124 -14.89 -6.95 -11.13
CA THR B 124 -13.90 -7.14 -12.18
C THR B 124 -14.22 -6.20 -13.35
N CYS B 125 -13.18 -5.91 -14.13
CA CYS B 125 -13.33 -5.10 -15.34
C CYS B 125 -12.28 -5.56 -16.34
N HIS B 126 -12.74 -6.11 -17.46
CA HIS B 126 -11.83 -6.47 -18.54
C HIS B 126 -11.48 -5.25 -19.37
N ALA B 127 -10.31 -5.31 -20.01
CA ALA B 127 -9.87 -4.18 -20.83
C ALA B 127 -10.84 -3.92 -21.98
N SER B 128 -11.50 -4.97 -22.48
CA SER B 128 -12.47 -4.84 -23.57
C SER B 128 -13.81 -4.29 -23.11
N ALA B 129 -14.04 -4.14 -21.81
CA ALA B 129 -15.32 -3.71 -21.28
C ALA B 129 -15.32 -2.20 -21.05
N LYS B 130 -16.51 -1.61 -21.14
CA LYS B 130 -16.64 -0.17 -20.92
C LYS B 130 -16.79 0.17 -19.44
N VAL B 131 -17.42 -0.71 -18.66
CA VAL B 131 -17.55 -0.53 -17.23
C VAL B 131 -17.39 -1.88 -16.54
N GLY B 132 -16.92 -1.85 -15.31
CA GLY B 132 -16.75 -3.06 -14.54
C GLY B 132 -18.08 -3.61 -14.03
N THR B 133 -17.99 -4.75 -13.35
CA THR B 133 -19.17 -5.46 -12.86
C THR B 133 -18.90 -6.00 -11.47
N ARG B 134 -19.89 -5.93 -10.60
CA ARG B 134 -19.83 -6.46 -9.24
C ARG B 134 -20.74 -7.67 -9.12
N LEU B 135 -20.21 -8.78 -8.62
CA LEU B 135 -20.90 -10.05 -8.56
C LEU B 135 -21.00 -10.57 -7.13
N MET B 136 -22.17 -11.09 -6.78
CA MET B 136 -22.40 -11.75 -5.49
C MET B 136 -22.79 -13.20 -5.73
N PHE B 137 -22.21 -14.11 -4.96
CA PHE B 137 -22.38 -15.54 -5.15
C PHE B 137 -22.99 -16.17 -3.91
N ASP B 138 -23.86 -17.16 -4.12
CA ASP B 138 -24.35 -17.97 -3.02
C ASP B 138 -23.36 -19.12 -2.78
N HIS B 139 -23.70 -19.99 -1.83
CA HIS B 139 -22.76 -21.05 -1.46
C HIS B 139 -22.69 -22.17 -2.48
N ASN B 140 -23.54 -22.16 -3.50
CA ASN B 140 -23.46 -23.09 -4.62
C ASN B 140 -22.71 -22.52 -5.81
N GLY B 141 -22.18 -21.31 -5.69
CA GLY B 141 -21.50 -20.67 -6.80
C GLY B 141 -22.40 -19.94 -7.77
N LYS B 142 -23.70 -19.85 -7.50
CA LYS B 142 -24.63 -19.16 -8.38
C LYS B 142 -24.60 -17.66 -8.13
N ILE B 143 -24.69 -16.89 -9.22
CA ILE B 143 -24.66 -15.44 -9.12
C ILE B 143 -25.96 -14.95 -8.49
N ILE B 144 -25.85 -14.32 -7.32
CA ILE B 144 -27.02 -13.74 -6.68
C ILE B 144 -27.46 -12.48 -7.42
N GLN B 145 -26.50 -11.59 -7.73
CA GLN B 145 -26.81 -10.38 -8.46
C GLN B 145 -25.55 -9.90 -9.17
N LYS B 146 -25.74 -9.23 -10.30
CA LYS B 146 -24.66 -8.61 -11.05
C LYS B 146 -25.07 -7.20 -11.43
N THR B 147 -24.24 -6.22 -11.07
CA THR B 147 -24.51 -4.81 -11.32
C THR B 147 -23.28 -4.13 -11.90
N PRO B 148 -23.48 -3.10 -12.72
CA PRO B 148 -22.33 -2.30 -13.17
C PRO B 148 -21.60 -1.68 -11.99
N TYR B 149 -20.28 -1.63 -12.09
CA TYR B 149 -19.43 -1.23 -10.97
C TYR B 149 -18.20 -0.48 -11.48
N PRO B 150 -18.13 0.84 -11.30
CA PRO B 150 -16.99 1.61 -11.79
C PRO B 150 -15.71 1.24 -11.05
N ARG B 151 -14.76 0.67 -11.77
CA ARG B 151 -13.49 0.25 -11.19
C ARG B 151 -12.46 0.12 -12.31
N PRO B 152 -11.17 0.23 -11.99
CA PRO B 152 -10.14 0.08 -13.01
C PRO B 152 -10.02 -1.37 -13.46
N ARG B 153 -9.21 -1.58 -14.50
CA ARG B 153 -8.98 -2.91 -15.02
C ARG B 153 -8.38 -3.80 -13.95
N GLY B 154 -8.90 -5.01 -13.84
CA GLY B 154 -8.42 -5.97 -12.85
C GLY B 154 -9.58 -6.68 -12.21
N THR B 155 -9.28 -7.36 -11.11
CA THR B 155 -10.26 -8.18 -10.41
C THR B 155 -10.02 -8.09 -8.91
N THR B 156 -11.10 -8.01 -8.14
CA THR B 156 -11.05 -8.02 -6.69
C THR B 156 -11.94 -9.15 -6.19
N VAL B 157 -11.35 -10.10 -5.46
CA VAL B 157 -12.06 -11.24 -4.92
C VAL B 157 -12.12 -11.08 -3.40
N SER B 158 -13.34 -11.03 -2.87
CA SER B 158 -13.56 -10.86 -1.44
C SER B 158 -14.09 -12.15 -0.85
N VAL B 159 -13.35 -12.70 0.11
CA VAL B 159 -13.72 -13.92 0.82
C VAL B 159 -14.06 -13.51 2.25
N GLN B 160 -15.35 -13.51 2.57
CA GLN B 160 -15.85 -12.99 3.85
C GLN B 160 -16.25 -14.14 4.75
N GLN B 161 -15.75 -14.12 5.99
CA GLN B 161 -16.06 -15.12 7.01
C GLN B 161 -15.76 -16.53 6.51
N LEU B 162 -14.48 -16.77 6.23
CA LEU B 162 -14.05 -18.07 5.75
C LEU B 162 -14.40 -19.16 6.75
N PHE B 163 -14.94 -20.27 6.24
CA PHE B 163 -15.36 -21.47 6.98
C PHE B 163 -16.64 -21.27 7.77
N SER B 164 -17.39 -20.19 7.53
CA SER B 164 -18.61 -19.95 8.30
C SER B 164 -19.62 -21.07 8.11
N THR B 165 -19.66 -21.68 6.92
CA THR B 165 -20.59 -22.78 6.67
C THR B 165 -20.14 -24.09 7.29
N LEU B 166 -18.91 -24.16 7.78
CA LEU B 166 -18.40 -25.32 8.53
C LEU B 166 -18.05 -24.82 9.92
N PRO B 167 -19.01 -24.79 10.84
CA PRO B 167 -18.77 -24.21 12.17
C PRO B 167 -17.57 -24.78 12.91
N VAL B 168 -17.32 -26.08 12.78
CA VAL B 168 -16.17 -26.69 13.46
C VAL B 168 -14.88 -26.10 12.92
N ARG B 169 -14.73 -26.08 11.59
CA ARG B 169 -13.52 -25.51 10.98
C ARG B 169 -13.42 -24.02 11.26
N HIS B 170 -14.55 -23.32 11.28
CA HIS B 170 -14.53 -21.90 11.59
C HIS B 170 -14.01 -21.65 13.00
N LYS B 171 -14.44 -22.47 13.96
CA LYS B 171 -14.00 -22.29 15.33
C LYS B 171 -12.52 -22.64 15.49
N GLU B 172 -12.09 -23.73 14.86
CA GLU B 172 -10.67 -24.08 14.86
C GLU B 172 -9.82 -22.98 14.22
N PHE B 173 -10.33 -22.37 13.15
CA PHE B 173 -9.64 -21.25 12.53
C PHE B 173 -9.40 -20.13 13.53
N GLN B 174 -10.43 -19.75 14.28
CA GLN B 174 -10.29 -18.69 15.27
C GLN B 174 -9.33 -19.08 16.39
N ARG B 175 -9.45 -20.31 16.89
CA ARG B 175 -8.63 -20.73 18.02
C ARG B 175 -7.15 -20.76 17.65
N ASN B 176 -6.84 -21.18 16.43
CA ASN B 176 -5.46 -21.31 15.95
C ASN B 176 -5.05 -20.17 15.02
N ILE B 177 -5.62 -18.99 15.21
CA ILE B 177 -5.40 -17.90 14.24
C ILE B 177 -3.95 -17.46 14.24
N LYS B 178 -3.27 -17.50 15.39
CA LYS B 178 -1.87 -17.08 15.42
C LYS B 178 -1.00 -18.01 14.57
N LYS B 179 -1.22 -19.32 14.67
CA LYS B 179 -0.45 -20.26 13.86
C LYS B 179 -0.88 -20.21 12.40
N GLU B 180 -2.19 -20.09 12.15
CA GLU B 180 -2.68 -20.06 10.77
C GLU B 180 -2.23 -18.80 10.06
N TYR B 181 -2.20 -17.67 10.76
CA TYR B 181 -1.73 -16.43 10.15
C TYR B 181 -0.23 -16.49 9.87
N ALA B 182 0.54 -17.12 10.76
CA ALA B 182 1.97 -17.26 10.52
C ALA B 182 2.24 -18.09 9.27
N LYS B 183 1.43 -19.13 9.03
CA LYS B 183 1.59 -19.91 7.82
C LYS B 183 1.29 -19.07 6.58
N MET B 184 0.26 -18.22 6.67
CA MET B 184 -0.10 -17.36 5.53
C MET B 184 0.97 -16.31 5.28
N VAL B 185 1.56 -15.76 6.34
CA VAL B 185 2.66 -14.79 6.18
C VAL B 185 3.84 -15.45 5.47
N GLN B 186 4.13 -16.71 5.81
CA GLN B 186 5.21 -17.42 5.15
C GLN B 186 4.94 -17.58 3.66
N VAL B 187 3.70 -17.95 3.30
CA VAL B 187 3.33 -18.03 1.89
C VAL B 187 3.39 -16.66 1.24
N LEU B 188 2.92 -15.63 1.95
CA LEU B 188 2.95 -14.27 1.41
C LEU B 188 4.39 -13.80 1.17
N HIS B 189 5.29 -14.08 2.11
CA HIS B 189 6.68 -13.68 1.95
C HIS B 189 7.33 -14.42 0.78
N ALA B 190 6.98 -15.69 0.58
CA ALA B 190 7.55 -16.44 -0.53
C ALA B 190 7.19 -15.81 -1.87
N TYR B 191 5.92 -15.42 -2.03
CA TYR B 191 5.52 -14.78 -3.28
C TYR B 191 6.12 -13.39 -3.42
N CYS B 192 6.25 -12.66 -2.31
CA CYS B 192 6.88 -11.35 -2.36
C CYS B 192 8.32 -11.45 -2.87
N ILE B 193 9.04 -12.48 -2.43
CA ILE B 193 10.45 -12.61 -2.78
C ILE B 193 10.61 -12.96 -4.25
N ILE B 194 9.83 -13.94 -4.73
CA ILE B 194 10.05 -14.49 -6.06
C ILE B 194 9.36 -13.71 -7.18
N SER B 195 8.36 -12.89 -6.86
CA SER B 195 7.58 -12.20 -7.90
C SER B 195 8.27 -10.89 -8.28
N ALA B 196 9.38 -11.04 -9.01
CA ALA B 196 10.09 -9.88 -9.53
C ALA B 196 9.22 -9.14 -10.54
N GLY B 197 9.26 -7.81 -10.48
CA GLY B 197 8.46 -6.99 -11.36
C GLY B 197 7.01 -6.85 -10.96
N ILE B 198 6.62 -7.41 -9.82
CA ILE B 198 5.24 -7.37 -9.35
C ILE B 198 5.22 -6.74 -7.96
N ARG B 199 4.36 -5.75 -7.79
CA ARG B 199 4.18 -5.07 -6.51
C ARG B 199 3.17 -5.87 -5.70
N VAL B 200 3.64 -6.59 -4.69
CA VAL B 200 2.79 -7.38 -3.80
C VAL B 200 2.71 -6.66 -2.47
N SER B 201 1.49 -6.48 -1.96
CA SER B 201 1.27 -5.79 -0.70
C SER B 201 0.25 -6.53 0.14
N CYS B 202 0.30 -6.29 1.44
CA CYS B 202 -0.63 -6.86 2.40
C CYS B 202 -0.92 -5.84 3.49
N THR B 203 -2.19 -5.73 3.86
CA THR B 203 -2.61 -4.89 4.98
C THR B 203 -3.53 -5.71 5.87
N ASN B 204 -3.60 -5.33 7.14
CA ASN B 204 -4.45 -6.01 8.11
C ASN B 204 -5.11 -4.97 9.01
N GLN B 205 -6.37 -5.23 9.36
CA GLN B 205 -7.14 -4.34 10.23
C GLN B 205 -7.76 -5.19 11.33
N LEU B 206 -7.49 -4.82 12.58
CA LEU B 206 -7.92 -5.60 13.75
C LEU B 206 -9.07 -4.90 14.47
N GLY B 207 -10.24 -5.53 14.46
CA GLY B 207 -11.38 -5.00 15.21
C GLY B 207 -11.78 -3.63 14.72
N GLN B 208 -11.85 -2.68 15.65
CA GLN B 208 -12.22 -1.30 15.35
C GLN B 208 -11.01 -0.41 15.09
N GLY B 209 -9.81 -0.98 15.01
CA GLY B 209 -8.61 -0.21 14.82
C GLY B 209 -8.41 0.25 13.39
N LYS B 210 -7.33 0.99 13.19
CA LYS B 210 -6.98 1.50 11.87
C LYS B 210 -6.37 0.40 11.02
N ARG B 211 -6.49 0.56 9.70
CA ARG B 211 -5.84 -0.37 8.79
C ARG B 211 -4.33 -0.16 8.85
N GLN B 212 -3.58 -1.26 8.92
CA GLN B 212 -2.13 -1.17 9.05
C GLN B 212 -1.43 -1.90 7.92
N PRO B 213 -0.42 -1.29 7.29
CA PRO B 213 0.37 -2.00 6.28
C PRO B 213 1.18 -3.12 6.93
N VAL B 214 1.28 -4.25 6.22
CA VAL B 214 2.03 -5.41 6.67
C VAL B 214 3.32 -5.58 5.87
N VAL B 215 3.23 -5.47 4.55
CA VAL B 215 4.41 -5.62 3.68
C VAL B 215 4.04 -5.03 2.33
N CYS B 216 5.05 -4.57 1.60
CA CYS B 216 4.84 -4.10 0.24
C CYS B 216 6.17 -4.17 -0.51
N THR B 217 6.13 -4.72 -1.71
CA THR B 217 7.30 -4.75 -2.58
C THR B 217 7.20 -3.64 -3.61
N GLY B 218 8.36 -3.25 -4.16
CA GLY B 218 8.43 -2.11 -5.04
C GLY B 218 8.45 -2.40 -6.52
N GLY B 219 8.10 -3.62 -6.93
CA GLY B 219 8.15 -3.95 -8.34
C GLY B 219 9.55 -4.03 -8.90
N SER B 220 10.50 -4.53 -8.10
CA SER B 220 11.90 -4.56 -8.50
C SER B 220 12.19 -5.82 -9.32
N PRO B 221 13.14 -5.73 -10.25
CA PRO B 221 13.46 -6.90 -11.09
C PRO B 221 14.37 -7.92 -10.43
N SER B 222 14.87 -7.66 -9.22
CA SER B 222 15.83 -8.55 -8.58
C SER B 222 15.25 -9.14 -7.31
N ILE B 223 15.55 -10.42 -7.08
CA ILE B 223 15.17 -11.08 -5.84
C ILE B 223 15.81 -10.40 -4.64
N LYS B 224 17.03 -9.89 -4.81
CA LYS B 224 17.73 -9.25 -3.70
C LYS B 224 16.97 -8.04 -3.17
N GLU B 225 16.45 -7.19 -4.07
CA GLU B 225 15.69 -6.04 -3.62
C GLU B 225 14.35 -6.45 -3.03
N ASN B 226 13.73 -7.51 -3.57
CA ASN B 226 12.49 -8.01 -2.98
C ASN B 226 12.74 -8.51 -1.55
N ILE B 227 13.87 -9.17 -1.33
CA ILE B 227 14.23 -9.58 0.03
C ILE B 227 14.39 -8.35 0.93
N GLY B 228 15.05 -7.32 0.41
CA GLY B 228 15.22 -6.10 1.20
C GLY B 228 13.90 -5.42 1.51
N SER B 229 12.95 -5.47 0.57
CA SER B 229 11.64 -4.88 0.82
C SER B 229 10.88 -5.62 1.91
N VAL B 230 11.05 -6.94 1.99
CA VAL B 230 10.29 -7.74 2.93
C VAL B 230 10.90 -7.66 4.33
N PHE B 231 12.22 -7.81 4.43
CA PHE B 231 12.87 -7.96 5.72
C PHE B 231 13.77 -6.79 6.11
N GLY B 232 13.98 -5.83 5.22
CA GLY B 232 14.86 -4.71 5.52
C GLY B 232 16.26 -4.92 4.98
N GLN B 233 16.98 -3.80 4.85
CA GLN B 233 18.33 -3.85 4.31
C GLN B 233 19.30 -4.56 5.26
N LYS B 234 18.99 -4.57 6.57
CA LYS B 234 19.86 -5.25 7.52
C LYS B 234 19.92 -6.75 7.26
N GLN B 235 18.82 -7.35 6.81
CA GLN B 235 18.83 -8.76 6.48
C GLN B 235 19.77 -9.07 5.32
N LEU B 236 19.87 -8.16 4.35
CA LEU B 236 20.74 -8.38 3.19
C LEU B 236 22.22 -8.35 3.55
N GLN B 237 22.59 -7.69 4.65
CA GLN B 237 24.00 -7.51 4.97
C GLN B 237 24.69 -8.80 5.40
N SER B 238 23.94 -9.80 5.84
CA SER B 238 24.51 -11.06 6.28
C SER B 238 24.31 -12.18 5.26
N LEU B 239 23.99 -11.84 4.02
CA LEU B 239 23.71 -12.81 2.98
C LEU B 239 24.81 -12.81 1.92
N ILE B 240 25.02 -13.97 1.31
CA ILE B 240 25.90 -14.11 0.16
C ILE B 240 25.11 -14.73 -0.99
N PRO B 241 25.42 -14.39 -2.24
CA PRO B 241 24.70 -15.01 -3.35
C PRO B 241 25.14 -16.45 -3.56
N PHE B 242 24.20 -17.28 -4.02
CA PHE B 242 24.53 -18.64 -4.37
C PHE B 242 25.41 -18.67 -5.62
N VAL B 243 26.47 -19.46 -5.57
CA VAL B 243 27.41 -19.62 -6.68
C VAL B 243 27.44 -21.09 -7.03
N GLN B 244 26.85 -21.43 -8.18
CA GLN B 244 26.75 -22.83 -8.59
C GLN B 244 28.10 -23.33 -9.11
N LEU B 245 28.50 -24.50 -8.64
CA LEU B 245 29.72 -25.16 -9.09
C LEU B 245 29.37 -26.53 -9.65
N PRO B 246 30.19 -27.07 -10.55
CA PRO B 246 30.04 -28.47 -10.92
C PRO B 246 30.31 -29.36 -9.72
N PRO B 247 29.63 -30.49 -9.61
CA PRO B 247 29.85 -31.37 -8.46
C PRO B 247 31.28 -31.87 -8.43
N SER B 248 31.84 -31.96 -7.23
CA SER B 248 33.22 -32.38 -7.07
C SER B 248 33.31 -33.90 -7.16
N ASP B 249 34.50 -34.37 -7.53
CA ASP B 249 34.75 -35.81 -7.57
C ASP B 249 34.41 -36.46 -6.23
N SER B 250 34.81 -35.81 -5.13
CA SER B 250 34.50 -36.33 -3.80
C SER B 250 32.99 -36.41 -3.57
N VAL B 251 32.28 -35.32 -3.88
CA VAL B 251 30.84 -35.29 -3.63
C VAL B 251 30.11 -36.21 -4.59
N CYS B 252 30.58 -36.31 -5.85
CA CYS B 252 30.00 -37.25 -6.78
C CYS B 252 30.13 -38.68 -6.29
N GLU B 253 31.27 -39.00 -5.67
CA GLU B 253 31.46 -40.34 -5.10
C GLU B 253 30.52 -40.56 -3.93
N GLU B 254 30.26 -39.53 -3.13
CA GLU B 254 29.35 -39.65 -2.00
C GLU B 254 27.96 -40.06 -2.46
N TYR B 255 27.57 -39.69 -3.67
CA TYR B 255 26.28 -40.08 -4.23
C TYR B 255 26.44 -41.29 -5.14
N ALA B 262 26.49 -36.85 -14.63
CA ALA B 262 26.75 -35.46 -14.26
C ALA B 262 27.11 -34.63 -15.48
N LEU B 263 27.19 -35.28 -16.64
CA LEU B 263 27.50 -34.57 -17.88
C LEU B 263 26.26 -33.90 -18.47
N HIS B 264 25.08 -34.47 -18.22
CA HIS B 264 23.81 -33.89 -18.66
C HIS B 264 23.17 -33.04 -17.57
N ASN B 265 23.96 -32.20 -16.92
CA ASN B 265 23.44 -31.36 -15.83
C ASN B 265 22.56 -30.26 -16.40
N LEU B 266 21.31 -30.22 -15.96
CA LEU B 266 20.36 -29.18 -16.39
C LEU B 266 19.81 -28.40 -15.21
N PHE B 267 20.39 -28.54 -14.03
CA PHE B 267 19.96 -27.78 -12.85
C PHE B 267 20.64 -26.42 -12.84
N TYR B 268 19.85 -25.37 -12.61
CA TYR B 268 20.37 -24.01 -12.46
C TYR B 268 19.86 -23.46 -11.14
N ILE B 269 20.79 -23.18 -10.22
CA ILE B 269 20.47 -22.76 -8.87
C ILE B 269 20.86 -21.30 -8.70
N SER B 270 19.98 -20.54 -8.04
CA SER B 270 20.24 -19.14 -7.76
C SER B 270 19.58 -18.77 -6.43
N GLY B 271 20.07 -17.67 -5.84
CA GLY B 271 19.47 -17.16 -4.63
C GLY B 271 20.47 -16.63 -3.63
N PHE B 272 20.12 -16.68 -2.34
CA PHE B 272 20.94 -16.12 -1.28
C PHE B 272 20.85 -17.01 -0.05
N ILE B 273 21.92 -17.01 0.74
CA ILE B 273 21.97 -17.77 1.98
C ILE B 273 22.79 -16.99 2.98
N SER B 274 22.55 -17.24 4.26
CA SER B 274 23.31 -16.59 5.31
C SER B 274 24.78 -16.97 5.21
N GLN B 275 25.64 -16.02 5.60
CA GLN B 275 27.05 -16.34 5.77
C GLN B 275 27.22 -17.32 6.92
N CYS B 276 28.25 -18.17 6.81
CA CYS B 276 28.51 -19.17 7.85
C CYS B 276 29.25 -18.59 9.05
N THR B 277 29.68 -17.34 8.98
CA THR B 277 30.42 -16.72 10.07
C THR B 277 29.63 -16.81 11.38
N HIS B 278 30.35 -17.04 12.48
CA HIS B 278 29.70 -17.23 13.77
C HIS B 278 28.87 -16.00 14.15
N GLY B 279 27.65 -16.25 14.59
CA GLY B 279 26.76 -15.21 15.06
C GLY B 279 25.90 -14.61 13.96
N VAL B 280 26.38 -14.71 12.72
CA VAL B 280 25.67 -14.09 11.60
C VAL B 280 24.39 -14.85 11.21
N GLY B 281 24.23 -16.09 11.68
CA GLY B 281 23.07 -16.88 11.33
C GLY B 281 21.83 -16.48 12.11
N ARG B 282 20.82 -17.34 12.03
CA ARG B 282 19.53 -17.12 12.68
C ARG B 282 19.28 -18.18 13.73
N SER B 283 18.38 -17.86 14.66
CA SER B 283 18.06 -18.77 15.76
C SER B 283 17.26 -19.98 15.31
N SER B 284 16.53 -19.89 14.21
CA SER B 284 15.68 -20.99 13.76
C SER B 284 15.56 -20.93 12.24
N THR B 285 14.78 -21.86 11.69
CA THR B 285 14.48 -21.92 10.26
C THR B 285 13.25 -21.09 9.90
N ASP B 286 13.11 -19.91 10.51
CA ASP B 286 11.93 -19.09 10.29
C ASP B 286 11.94 -18.35 8.96
N ARG B 287 13.08 -18.27 8.29
CA ARG B 287 13.21 -17.54 7.02
C ARG B 287 13.98 -18.41 6.02
N GLN B 288 13.36 -19.51 5.61
CA GLN B 288 13.91 -20.40 4.59
C GLN B 288 12.87 -20.60 3.51
N PHE B 289 13.18 -20.12 2.31
CA PHE B 289 12.24 -20.12 1.19
C PHE B 289 12.86 -20.87 0.02
N PHE B 290 12.23 -21.97 -0.37
CA PHE B 290 12.69 -22.80 -1.47
C PHE B 290 11.69 -22.73 -2.61
N PHE B 291 12.21 -22.74 -3.84
CA PHE B 291 11.38 -22.65 -5.04
C PHE B 291 11.88 -23.63 -6.08
N ILE B 292 10.93 -24.26 -6.78
CA ILE B 292 11.23 -25.08 -7.95
C ILE B 292 10.52 -24.42 -9.13
N ASN B 293 11.30 -23.92 -10.08
CA ASN B 293 10.78 -23.18 -11.23
C ASN B 293 9.86 -22.04 -10.77
N ARG B 294 10.39 -21.22 -9.87
CA ARG B 294 9.75 -20.03 -9.28
C ARG B 294 8.53 -20.36 -8.44
N ARG B 295 8.19 -21.64 -8.24
CA ARG B 295 7.00 -22.00 -7.48
C ARG B 295 7.37 -22.32 -6.04
N PRO B 296 6.76 -21.66 -5.06
CA PRO B 296 7.07 -21.98 -3.66
C PRO B 296 6.71 -23.41 -3.30
N CYS B 297 7.61 -24.08 -2.60
CA CYS B 297 7.42 -25.46 -2.21
C CYS B 297 8.37 -25.78 -1.06
N ASP B 298 8.22 -26.98 -0.50
CA ASP B 298 9.05 -27.43 0.62
C ASP B 298 9.66 -28.77 0.26
N PRO B 299 10.81 -28.77 -0.43
CA PRO B 299 11.52 -30.03 -0.71
C PRO B 299 12.28 -30.50 0.52
N ALA B 300 11.84 -31.63 1.09
CA ALA B 300 12.37 -32.08 2.37
C ALA B 300 13.86 -32.41 2.26
N LYS B 301 14.23 -33.22 1.27
CA LYS B 301 15.62 -33.64 1.14
C LYS B 301 16.53 -32.46 0.83
N VAL B 302 16.07 -31.53 -0.02
CA VAL B 302 16.86 -30.35 -0.34
C VAL B 302 17.02 -29.46 0.89
N CYS B 303 15.93 -29.26 1.65
CA CYS B 303 16.01 -28.41 2.84
C CYS B 303 16.95 -29.00 3.88
N ARG B 304 16.89 -30.32 4.10
CA ARG B 304 17.77 -30.94 5.08
C ARG B 304 19.23 -30.82 4.67
N LEU B 305 19.52 -30.98 3.37
CA LEU B 305 20.89 -30.87 2.89
C LEU B 305 21.44 -29.47 3.12
N VAL B 306 20.62 -28.44 2.88
CA VAL B 306 21.07 -27.07 3.04
C VAL B 306 21.40 -26.78 4.50
N ASN B 307 20.51 -27.17 5.42
CA ASN B 307 20.77 -26.96 6.84
C ASN B 307 21.93 -27.81 7.33
N GLU B 308 22.15 -28.98 6.73
CA GLU B 308 23.25 -29.85 7.17
C GLU B 308 24.60 -29.24 6.80
N VAL B 309 24.73 -28.72 5.58
CA VAL B 309 25.99 -28.12 5.15
C VAL B 309 26.28 -26.85 5.95
N TYR B 310 25.25 -26.06 6.23
CA TYR B 310 25.44 -24.86 7.02
C TYR B 310 25.92 -25.20 8.43
N HIS B 311 25.36 -26.28 9.02
CA HIS B 311 25.79 -26.69 10.35
C HIS B 311 27.21 -27.22 10.37
N MET B 312 27.73 -27.67 9.22
CA MET B 312 29.14 -28.06 9.13
C MET B 312 30.07 -26.90 9.44
N TYR B 313 29.61 -25.66 9.23
CA TYR B 313 30.40 -24.47 9.47
C TYR B 313 29.85 -23.60 10.59
N ASN B 314 28.58 -23.76 10.96
CA ASN B 314 27.94 -22.92 11.98
C ASN B 314 26.84 -23.77 12.63
N ARG B 315 27.27 -24.69 13.49
CA ARG B 315 26.34 -25.62 14.11
C ARG B 315 25.38 -24.95 15.08
N HIS B 316 25.73 -23.77 15.59
CA HIS B 316 24.89 -23.09 16.58
C HIS B 316 23.68 -22.40 15.96
N GLN B 317 23.72 -22.07 14.68
CA GLN B 317 22.67 -21.27 14.05
C GLN B 317 22.16 -21.95 12.80
N TYR B 318 21.02 -21.44 12.31
CA TYR B 318 20.33 -21.81 11.09
C TYR B 318 20.36 -20.66 10.10
N PRO B 319 20.45 -20.95 8.79
CA PRO B 319 20.61 -19.88 7.81
C PRO B 319 19.30 -19.31 7.28
N PHE B 320 19.38 -18.05 6.88
CA PHE B 320 18.39 -17.48 5.97
C PHE B 320 18.59 -18.11 4.59
N VAL B 321 17.50 -18.54 3.97
CA VAL B 321 17.59 -19.28 2.71
C VAL B 321 16.56 -18.75 1.72
N VAL B 322 17.02 -18.36 0.54
CA VAL B 322 16.17 -18.15 -0.64
C VAL B 322 16.87 -18.88 -1.77
N LEU B 323 16.30 -19.99 -2.22
CA LEU B 323 16.93 -20.83 -3.25
C LEU B 323 15.87 -21.22 -4.26
N ASN B 324 16.11 -20.88 -5.52
CA ASN B 324 15.26 -21.30 -6.63
C ASN B 324 15.98 -22.38 -7.43
N ILE B 325 15.28 -23.48 -7.69
CA ILE B 325 15.80 -24.59 -8.47
C ILE B 325 15.10 -24.56 -9.83
N SER B 326 15.86 -24.23 -10.87
CA SER B 326 15.33 -24.14 -12.23
C SER B 326 15.77 -25.35 -13.02
N VAL B 327 14.82 -26.06 -13.62
CA VAL B 327 15.13 -27.29 -14.34
C VAL B 327 14.07 -27.55 -15.41
N ASP B 328 14.49 -28.25 -16.47
CA ASP B 328 13.63 -28.65 -17.57
C ASP B 328 12.53 -29.61 -17.10
N SER B 329 11.43 -29.63 -17.84
CA SER B 329 10.29 -30.49 -17.53
C SER B 329 10.70 -31.96 -17.53
N GLN B 346 13.55 -35.60 -10.68
CA GLN B 346 14.38 -36.66 -11.26
C GLN B 346 15.85 -36.28 -11.20
N GLU B 347 16.70 -37.30 -11.02
CA GLU B 347 18.13 -37.11 -10.83
C GLU B 347 18.42 -36.16 -9.67
N GLU B 348 17.64 -36.32 -8.59
CA GLU B 348 17.80 -35.44 -7.43
C GLU B 348 19.17 -35.60 -6.79
N LYS B 349 19.78 -36.79 -6.88
CA LYS B 349 21.11 -36.99 -6.34
C LYS B 349 22.11 -36.05 -7.01
N LEU B 350 21.93 -35.79 -8.31
CA LEU B 350 22.78 -34.82 -8.99
C LEU B 350 22.55 -33.42 -8.44
N LEU B 351 21.29 -33.07 -8.18
CA LEU B 351 20.99 -31.74 -7.62
C LEU B 351 21.62 -31.56 -6.25
N LEU B 352 21.52 -32.58 -5.38
CA LEU B 352 22.14 -32.49 -4.06
C LEU B 352 23.66 -32.38 -4.17
N ALA B 353 24.25 -33.11 -5.12
CA ALA B 353 25.70 -33.05 -5.30
C ALA B 353 26.12 -31.65 -5.75
N VAL B 354 25.34 -31.03 -6.64
CA VAL B 354 25.62 -29.66 -7.04
C VAL B 354 25.41 -28.71 -5.86
N LEU B 355 24.33 -28.91 -5.10
CA LEU B 355 24.05 -28.05 -3.96
C LEU B 355 25.14 -28.16 -2.91
N LYS B 356 25.54 -29.38 -2.55
CA LYS B 356 26.55 -29.56 -1.52
C LYS B 356 27.90 -29.01 -1.97
N THR B 357 28.30 -29.31 -3.20
CA THR B 357 29.57 -28.80 -3.71
C THR B 357 29.57 -27.28 -3.75
N SER B 358 28.47 -26.68 -4.22
CA SER B 358 28.40 -25.22 -4.30
C SER B 358 28.45 -24.59 -2.90
N LEU B 359 27.67 -25.14 -1.97
CA LEU B 359 27.64 -24.57 -0.62
C LEU B 359 28.98 -24.69 0.08
N ILE B 360 29.70 -25.80 -0.15
CA ILE B 360 31.01 -25.96 0.46
C ILE B 360 31.99 -24.96 -0.12
N GLY B 361 31.94 -24.74 -1.44
CA GLY B 361 32.79 -23.74 -2.06
C GLY B 361 32.45 -22.33 -1.62
N MET B 362 31.19 -22.08 -1.26
CA MET B 362 30.79 -20.77 -0.78
C MET B 362 31.26 -20.53 0.65
N PHE B 363 31.09 -21.52 1.52
CA PHE B 363 31.42 -21.36 2.93
C PHE B 363 32.91 -21.53 3.21
N ASP B 364 33.65 -22.20 2.33
CA ASP B 364 35.10 -22.31 2.51
C ASP B 364 35.78 -20.97 2.33
#